data_4OCK
#
_entry.id   4OCK
#
_cell.length_a   54.806
_cell.length_b   79.012
_cell.length_c   98.009
_cell.angle_alpha   90.00
_cell.angle_beta   90.00
_cell.angle_gamma   90.00
#
_symmetry.space_group_name_H-M   'P 21 21 21'
#
loop_
_entity.id
_entity.type
_entity.pdbx_description
1 polymer 'N-acetylhexosamine 1-phosphate kinase'
2 non-polymer 2-acetamido-2-deoxy-alpha-D-glucopyranose
3 non-polymer 'PHOSPHOAMINOPHOSPHONIC ACID-ADENYLATE ESTER'
4 water water
#
_entity_poly.entity_id   1
_entity_poly.type   'polypeptide(L)'
_entity_poly.pdbx_seq_one_letter_code
;(MSE)GSSHHHHHHSSGLVPRGSH(MSE)TESNEVLFGIASHFALEGAVTGIEPYGDGHINTTYLVTTDGPRYILQQ
(MSE)NTSIFPDTVNL(MSE)RNVELVTSTLKAQGKETLDIVPTTSGATWAEIDGGAWRVYKFIEHTVSYNLVPNPDVFR
EAGSAFGDFQNFLSEFDASQLTETIAHFHDTPHRFEDFKAALAADKLGRAAACQPEIDFYLSHADQYAVV(MSE)DGLRD
GSIPLRVTHNDTKLNNIL(MSE)DATTGKARAIIDLDTI(MSE)PGS(MSE)LFDFGDSIRFGASTALEDEKDLSKVHFS
TELFRAYTEGFVGELRGSITAREAELLPFSGNLLT(MSE)ECG(MSE)RFLADYLEGDIYFATKYPEHNLVRTRTQIKLV
QE(MSE)EQKASETRAIVADI(MSE)EAAR
;
_entity_poly.pdbx_strand_id   A
#
loop_
_chem_comp.id
_chem_comp.type
_chem_comp.name
_chem_comp.formula
ANP non-polymer 'PHOSPHOAMINOPHOSPHONIC ACID-ADENYLATE ESTER' 'C10 H17 N6 O12 P3'
NDG D-saccharide, alpha linking 2-acetamido-2-deoxy-alpha-D-glucopyranose 'C8 H15 N O6'
#
# COMPACT_ATOMS: atom_id res chain seq x y z
N GLU A 23 -20.83 4.47 -11.07
CA GLU A 23 -21.88 5.52 -11.23
C GLU A 23 -22.24 5.76 -12.70
N SER A 24 -23.42 6.31 -12.94
CA SER A 24 -23.85 6.68 -14.28
C SER A 24 -23.03 7.87 -14.80
N ASN A 25 -23.00 8.04 -16.11
CA ASN A 25 -22.34 9.20 -16.72
C ASN A 25 -22.89 10.53 -16.22
N GLU A 26 -24.21 10.66 -16.23
CA GLU A 26 -24.86 11.88 -15.73
C GLU A 26 -24.37 12.25 -14.32
N VAL A 27 -24.34 11.27 -13.41
CA VAL A 27 -23.83 11.50 -12.04
C VAL A 27 -22.36 11.94 -12.04
N LEU A 28 -21.51 11.21 -12.78
CA LEU A 28 -20.08 11.49 -12.79
C LEU A 28 -19.73 12.84 -13.38
N PHE A 29 -20.38 13.21 -14.49
CA PHE A 29 -20.16 14.52 -15.08
C PHE A 29 -20.62 15.63 -14.14
N GLY A 30 -21.71 15.37 -13.41
CA GLY A 30 -22.15 16.29 -12.35
C GLY A 30 -21.10 16.48 -11.30
N ILE A 31 -20.55 15.37 -10.81
CA ILE A 31 -19.45 15.48 -9.83
C ILE A 31 -18.31 16.32 -10.37
N ALA A 32 -17.89 16.06 -11.61
CA ALA A 32 -16.75 16.74 -12.19
C ALA A 32 -16.97 18.26 -12.24
N SER A 33 -18.24 18.67 -12.41
CA SER A 33 -18.56 20.11 -12.53
C SER A 33 -18.31 20.88 -11.24
N HIS A 34 -18.08 20.14 -10.16
CA HIS A 34 -17.80 20.74 -8.81
C HIS A 34 -16.37 21.20 -8.65
N PHE A 35 -15.51 20.78 -9.56
CA PHE A 35 -14.06 20.91 -9.44
C PHE A 35 -13.48 21.85 -10.50
N ALA A 36 -12.36 22.48 -10.16
CA ALA A 36 -11.76 23.49 -11.00
C ALA A 36 -10.95 22.89 -12.15
N LEU A 37 -11.65 22.11 -13.00
CA LEU A 37 -11.01 21.52 -14.16
C LEU A 37 -10.69 22.56 -15.24
N GLU A 38 -9.67 22.27 -16.04
CA GLU A 38 -9.23 23.24 -17.06
C GLU A 38 -9.45 22.72 -18.48
N GLY A 39 -10.58 22.07 -18.69
CA GLY A 39 -10.96 21.64 -20.02
C GLY A 39 -12.37 21.13 -19.98
N ALA A 40 -13.01 21.05 -21.15
CA ALA A 40 -14.35 20.50 -21.28
C ALA A 40 -14.27 18.97 -21.17
N VAL A 41 -15.06 18.39 -20.28
CA VAL A 41 -15.00 16.93 -20.04
C VAL A 41 -15.57 16.17 -21.24
N THR A 42 -14.83 15.16 -21.70
CA THR A 42 -15.28 14.31 -22.80
C THR A 42 -15.65 12.91 -22.32
N GLY A 43 -15.04 12.47 -21.23
CA GLY A 43 -15.37 11.17 -20.67
C GLY A 43 -14.88 11.00 -19.25
N ILE A 44 -15.55 10.11 -18.52
CA ILE A 44 -15.15 9.73 -17.17
C ILE A 44 -15.33 8.22 -17.05
N GLU A 45 -14.21 7.51 -16.94
CA GLU A 45 -14.25 6.06 -17.08
C GLU A 45 -13.50 5.40 -15.93
N PRO A 46 -14.07 4.31 -15.39
CA PRO A 46 -13.42 3.58 -14.31
C PRO A 46 -11.98 3.25 -14.70
N TYR A 47 -11.05 3.41 -13.77
CA TYR A 47 -9.63 3.29 -14.10
C TYR A 47 -8.85 2.64 -12.98
N GLY A 48 -7.93 1.74 -13.36
CA GLY A 48 -6.90 1.30 -12.42
C GLY A 48 -7.14 0.01 -11.64
N ASP A 49 -6.09 -0.37 -10.90
CA ASP A 49 -6.04 -1.61 -10.11
C ASP A 49 -6.15 -1.35 -8.59
N GLY A 50 -6.77 -0.23 -8.21
CA GLY A 50 -7.03 0.06 -6.78
C GLY A 50 -8.14 -0.81 -6.22
N HIS A 51 -8.03 -1.12 -4.92
CA HIS A 51 -8.98 -1.98 -4.20
C HIS A 51 -9.82 -1.24 -3.20
N ILE A 52 -9.52 0.04 -2.96
CA ILE A 52 -10.06 0.73 -1.78
C ILE A 52 -11.06 1.81 -2.19
N ASN A 53 -10.56 2.84 -2.86
CA ASN A 53 -11.41 3.91 -3.37
C ASN A 53 -11.96 3.52 -4.74
N THR A 54 -12.81 4.36 -5.31
CA THR A 54 -13.30 4.12 -6.66
C THR A 54 -12.73 5.19 -7.56
N THR A 55 -11.91 4.78 -8.53
CA THR A 55 -11.07 5.69 -9.30
C THR A 55 -11.52 5.74 -10.76
N TYR A 56 -11.51 6.96 -11.31
CA TYR A 56 -11.93 7.22 -12.69
C TYR A 56 -10.91 8.11 -13.37
N LEU A 57 -10.69 7.84 -14.67
CA LEU A 57 -9.93 8.72 -15.51
C LEU A 57 -10.88 9.73 -16.16
N VAL A 58 -10.59 11.02 -15.96
CA VAL A 58 -11.37 12.11 -16.58
C VAL A 58 -10.60 12.61 -17.79
N THR A 59 -11.18 12.41 -18.97
CA THR A 59 -10.60 12.95 -20.19
C THR A 59 -11.31 14.25 -20.53
N THR A 60 -10.54 15.24 -20.98
CA THR A 60 -11.10 16.52 -21.41
C THR A 60 -10.57 16.88 -22.79
N ASP A 61 -10.95 18.05 -23.29
CA ASP A 61 -10.34 18.55 -24.54
C ASP A 61 -8.90 19.03 -24.35
N GLY A 62 -8.41 18.99 -23.11
CA GLY A 62 -7.00 19.26 -22.81
C GLY A 62 -6.43 18.29 -21.79
N PRO A 63 -6.28 18.73 -20.53
CA PRO A 63 -5.64 17.92 -19.50
C PRO A 63 -6.48 16.71 -19.03
N ARG A 64 -5.80 15.73 -18.44
CA ARG A 64 -6.46 14.60 -17.83
C ARG A 64 -6.43 14.75 -16.31
N TYR A 65 -7.39 14.09 -15.66
CA TYR A 65 -7.51 14.10 -14.22
C TYR A 65 -7.87 12.73 -13.71
N ILE A 66 -7.54 12.50 -12.45
CA ILE A 66 -8.04 11.33 -11.73
C ILE A 66 -9.16 11.80 -10.79
N LEU A 67 -10.33 11.17 -10.91
CA LEU A 67 -11.46 11.46 -10.01
C LEU A 67 -11.66 10.24 -9.10
N GLN A 68 -11.73 10.48 -7.79
CA GLN A 68 -11.95 9.38 -6.86
C GLN A 68 -13.10 9.62 -5.92
N GLN A 69 -13.92 8.60 -5.75
CA GLN A 69 -14.85 8.58 -4.63
C GLN A 69 -14.14 7.88 -3.50
N MSE A 70 -13.97 8.59 -2.40
CA MSE A 70 -13.32 8.04 -1.25
C MSE A 70 -14.22 7.04 -0.54
O MSE A 70 -15.41 7.25 -0.45
CB MSE A 70 -12.95 9.18 -0.32
CG MSE A 70 -11.70 9.83 -0.83
SE MSE A 70 -11.27 11.34 0.41
CE MSE A 70 -12.48 12.63 -0.45
N ASN A 71 -13.63 5.96 -0.05
CA ASN A 71 -14.39 4.91 0.63
C ASN A 71 -14.54 5.32 2.10
N THR A 72 -15.72 5.79 2.48
CA THR A 72 -15.89 6.29 3.83
C THR A 72 -16.20 5.19 4.84
N SER A 73 -16.40 3.97 4.36
CA SER A 73 -16.51 2.85 5.31
C SER A 73 -15.11 2.50 5.84
N ILE A 74 -14.09 2.71 5.01
CA ILE A 74 -12.70 2.48 5.41
C ILE A 74 -12.09 3.74 6.04
N PHE A 75 -12.41 4.90 5.46
CA PHE A 75 -11.90 6.19 5.94
C PHE A 75 -13.08 7.09 6.34
N PRO A 76 -13.68 6.83 7.52
CA PRO A 76 -14.87 7.62 7.86
C PRO A 76 -14.58 9.10 8.14
N ASP A 77 -13.39 9.42 8.64
CA ASP A 77 -13.06 10.80 8.96
C ASP A 77 -12.42 11.49 7.74
N THR A 78 -13.26 11.90 6.81
CA THR A 78 -12.76 12.46 5.55
C THR A 78 -11.97 13.75 5.80
N VAL A 79 -12.44 14.57 6.73
CA VAL A 79 -11.73 15.82 7.02
C VAL A 79 -10.27 15.60 7.46
N ASN A 80 -10.07 14.71 8.43
CA ASN A 80 -8.75 14.36 8.91
C ASN A 80 -7.88 13.72 7.82
N LEU A 81 -8.47 12.83 7.02
CA LEU A 81 -7.70 12.21 5.91
C LEU A 81 -7.17 13.30 4.97
N MSE A 82 -8.05 14.21 4.57
CA MSE A 82 -7.67 15.25 3.60
C MSE A 82 -6.74 16.27 4.21
O MSE A 82 -5.93 16.85 3.50
CB MSE A 82 -8.90 15.89 2.94
CG MSE A 82 -9.68 14.92 2.04
SE MSE A 82 -8.57 14.23 0.56
CE MSE A 82 -7.87 15.91 -0.22
N ARG A 83 -6.86 16.51 5.51
CA ARG A 83 -5.87 17.32 6.21
C ARG A 83 -4.47 16.72 6.08
N ASN A 84 -4.36 15.40 6.28
CA ASN A 84 -3.07 14.73 6.14
C ASN A 84 -2.52 14.82 4.72
N VAL A 85 -3.39 14.53 3.75
CA VAL A 85 -2.97 14.54 2.35
C VAL A 85 -2.53 15.96 1.96
N GLU A 86 -3.28 16.95 2.40
CA GLU A 86 -2.90 18.34 2.12
C GLU A 86 -1.56 18.70 2.76
N LEU A 87 -1.33 18.26 4.00
CA LEU A 87 -0.07 18.58 4.68
C LEU A 87 1.11 17.95 3.97
N VAL A 88 0.99 16.67 3.68
CA VAL A 88 2.08 15.95 3.04
C VAL A 88 2.38 16.54 1.67
N THR A 89 1.34 16.71 0.84
CA THR A 89 1.56 17.18 -0.52
C THR A 89 2.05 18.63 -0.54
N SER A 90 1.53 19.45 0.36
CA SER A 90 1.99 20.86 0.36
C SER A 90 3.42 20.96 0.83
N THR A 91 3.85 20.07 1.74
CA THR A 91 5.22 20.06 2.21
C THR A 91 6.16 19.63 1.07
N LEU A 92 5.77 18.60 0.32
CA LEU A 92 6.52 18.22 -0.87
C LEU A 92 6.59 19.34 -1.91
N LYS A 93 5.47 20.00 -2.19
CA LYS A 93 5.45 21.08 -3.16
C LYS A 93 6.38 22.20 -2.72
N ALA A 94 6.41 22.48 -1.42
CA ALA A 94 7.27 23.54 -0.90
C ALA A 94 8.75 23.16 -0.87
N GLN A 95 9.08 21.95 -1.31
CA GLN A 95 10.46 21.53 -1.51
C GLN A 95 10.75 21.31 -3.00
N GLY A 96 9.81 21.74 -3.85
CA GLY A 96 9.92 21.58 -5.30
C GLY A 96 9.89 20.13 -5.77
N LYS A 97 9.21 19.27 -5.03
CA LYS A 97 9.16 17.86 -5.37
C LYS A 97 7.77 17.50 -5.87
N GLU A 98 7.72 16.79 -6.99
CA GLU A 98 6.46 16.37 -7.57
C GLU A 98 5.70 15.43 -6.64
N THR A 99 4.39 15.60 -6.61
CA THR A 99 3.54 14.81 -5.71
C THR A 99 2.14 14.77 -6.31
N LEU A 100 1.16 14.28 -5.54
CA LEU A 100 -0.24 14.39 -5.97
C LEU A 100 -0.68 15.85 -5.88
N ASP A 101 -1.28 16.37 -6.94
CA ASP A 101 -1.74 17.77 -6.97
C ASP A 101 -3.24 17.73 -6.86
N ILE A 102 -3.73 18.11 -5.69
CA ILE A 102 -5.17 18.22 -5.45
C ILE A 102 -5.70 19.31 -6.37
N VAL A 103 -6.77 18.99 -7.08
CA VAL A 103 -7.48 20.02 -7.85
C VAL A 103 -8.64 20.43 -6.96
N PRO A 104 -8.68 21.71 -6.57
CA PRO A 104 -9.71 22.12 -5.61
C PRO A 104 -11.09 22.17 -6.24
N THR A 105 -12.12 22.20 -5.39
CA THR A 105 -13.46 22.49 -5.89
C THR A 105 -13.44 23.90 -6.47
N THR A 106 -14.51 24.26 -7.17
CA THR A 106 -14.63 25.61 -7.71
C THR A 106 -14.78 26.67 -6.61
N SER A 107 -14.96 26.22 -5.36
CA SER A 107 -14.96 27.14 -4.20
C SER A 107 -13.68 27.12 -3.38
N GLY A 108 -12.72 26.31 -3.81
CA GLY A 108 -11.41 26.28 -3.15
C GLY A 108 -11.20 25.18 -2.12
N ALA A 109 -12.16 24.28 -1.96
CA ALA A 109 -12.06 23.20 -0.96
C ALA A 109 -11.18 22.11 -1.53
N THR A 110 -10.59 21.27 -0.67
CA THR A 110 -9.75 20.17 -1.16
C THR A 110 -10.52 18.92 -1.56
N TRP A 111 -11.82 18.89 -1.27
CA TRP A 111 -12.70 17.78 -1.65
C TRP A 111 -14.14 18.21 -1.57
N ALA A 112 -15.04 17.38 -2.07
CA ALA A 112 -16.45 17.76 -2.06
C ALA A 112 -17.31 16.62 -1.54
N GLU A 113 -18.25 16.96 -0.66
CA GLU A 113 -19.29 16.02 -0.25
C GLU A 113 -20.50 16.28 -1.14
N ILE A 114 -20.85 15.30 -1.97
CA ILE A 114 -21.91 15.45 -2.95
C ILE A 114 -22.87 14.26 -2.80
N ASP A 115 -24.11 14.57 -2.42
CA ASP A 115 -25.17 13.57 -2.33
C ASP A 115 -24.72 12.34 -1.53
N GLY A 116 -24.13 12.60 -0.35
CA GLY A 116 -23.68 11.54 0.55
C GLY A 116 -22.39 10.82 0.19
N GLY A 117 -21.68 11.31 -0.83
CA GLY A 117 -20.38 10.73 -1.22
C GLY A 117 -19.28 11.75 -1.04
N ALA A 118 -18.06 11.28 -0.79
CA ALA A 118 -16.89 12.16 -0.65
C ALA A 118 -16.00 11.96 -1.87
N TRP A 119 -15.70 13.06 -2.57
CA TRP A 119 -15.00 13.01 -3.85
C TRP A 119 -13.82 13.96 -3.89
N ARG A 120 -12.78 13.54 -4.59
CA ARG A 120 -11.59 14.39 -4.78
C ARG A 120 -11.05 14.20 -6.17
N VAL A 121 -10.23 15.15 -6.60
CA VAL A 121 -9.61 15.12 -7.93
C VAL A 121 -8.11 15.41 -7.81
N TYR A 122 -7.31 14.62 -8.53
CA TYR A 122 -5.88 14.90 -8.64
C TYR A 122 -5.56 15.15 -10.09
N LYS A 123 -4.55 16.00 -10.35
CA LYS A 123 -4.01 16.09 -11.73
C LYS A 123 -3.46 14.73 -12.15
N PHE A 124 -3.67 14.35 -13.42
CA PHE A 124 -3.11 13.08 -13.88
C PHE A 124 -1.61 13.29 -14.08
N ILE A 125 -0.81 12.39 -13.51
CA ILE A 125 0.63 12.54 -13.57
C ILE A 125 1.10 11.96 -14.90
N GLU A 126 1.52 12.86 -15.79
CA GLU A 126 1.81 12.51 -17.19
C GLU A 126 3.20 11.91 -17.43
N HIS A 127 3.31 11.19 -18.55
CA HIS A 127 4.57 10.59 -18.98
C HIS A 127 5.12 9.59 -17.99
N THR A 128 4.23 8.82 -17.37
CA THR A 128 4.67 7.80 -16.41
C THR A 128 4.24 6.39 -16.81
N VAL A 129 4.91 5.43 -16.18
CA VAL A 129 4.56 4.01 -16.24
C VAL A 129 4.53 3.50 -14.80
N SER A 130 3.84 2.38 -14.58
CA SER A 130 3.86 1.74 -13.28
C SER A 130 3.78 0.25 -13.48
N TYR A 131 4.03 -0.49 -12.41
CA TYR A 131 4.14 -1.93 -12.51
C TYR A 131 3.38 -2.64 -11.40
N ASN A 132 2.63 -3.67 -11.78
CA ASN A 132 2.06 -4.61 -10.81
C ASN A 132 2.99 -5.78 -10.56
N LEU A 133 4.03 -5.88 -11.37
CA LEU A 133 4.96 -6.99 -11.36
C LEU A 133 6.31 -6.48 -11.84
N VAL A 134 7.36 -6.77 -11.09
CA VAL A 134 8.70 -6.31 -11.43
C VAL A 134 9.18 -6.99 -12.71
N PRO A 135 9.53 -6.20 -13.74
CA PRO A 135 10.01 -6.76 -14.99
C PRO A 135 11.51 -7.05 -14.98
N ASN A 136 12.26 -6.38 -14.12
CA ASN A 136 13.70 -6.57 -13.97
C ASN A 136 14.19 -5.94 -12.65
N PRO A 137 15.34 -6.41 -12.12
CA PRO A 137 15.81 -5.92 -10.83
C PRO A 137 16.05 -4.41 -10.72
N ASP A 138 16.44 -3.76 -11.82
CA ASP A 138 16.72 -2.33 -11.80
C ASP A 138 15.49 -1.52 -11.43
N VAL A 139 14.33 -1.95 -11.93
CA VAL A 139 13.04 -1.30 -11.61
C VAL A 139 12.80 -1.40 -10.09
N PHE A 140 13.11 -2.57 -9.51
CA PHE A 140 12.80 -2.76 -8.08
C PHE A 140 13.81 -2.05 -7.20
N ARG A 141 15.06 -1.92 -7.67
CA ARG A 141 16.05 -1.13 -6.97
C ARG A 141 15.62 0.32 -6.92
N GLU A 142 15.07 0.82 -8.03
CA GLU A 142 14.57 2.18 -8.09
C GLU A 142 13.42 2.37 -7.11
N ALA A 143 12.55 1.36 -7.02
CA ALA A 143 11.46 1.37 -6.02
C ALA A 143 12.00 1.48 -4.60
N GLY A 144 13.06 0.71 -4.30
CA GLY A 144 13.71 0.75 -2.99
C GLY A 144 14.22 2.15 -2.67
N SER A 145 14.89 2.75 -3.65
CA SER A 145 15.43 4.09 -3.50
C SER A 145 14.29 5.09 -3.26
N ALA A 146 13.22 4.96 -4.02
CA ALA A 146 12.09 5.88 -3.89
C ALA A 146 11.43 5.84 -2.51
N PHE A 147 11.13 4.64 -2.02
CA PHE A 147 10.49 4.53 -0.70
C PHE A 147 11.46 4.83 0.44
N GLY A 148 12.74 4.53 0.22
CA GLY A 148 13.79 4.86 1.19
C GLY A 148 13.88 6.37 1.32
N ASP A 149 13.88 7.05 0.17
CA ASP A 149 13.89 8.51 0.16
C ASP A 149 12.63 9.08 0.81
N PHE A 150 11.49 8.45 0.55
CA PHE A 150 10.25 8.91 1.15
C PHE A 150 10.29 8.81 2.69
N GLN A 151 10.88 7.74 3.23
CA GLN A 151 11.09 7.61 4.68
C GLN A 151 11.89 8.80 5.22
N ASN A 152 12.97 9.19 4.52
CA ASN A 152 13.73 10.37 4.95
C ASN A 152 12.89 11.61 4.94
N PHE A 153 12.08 11.76 3.90
CA PHE A 153 11.19 12.90 3.82
C PHE A 153 10.20 12.93 4.99
N LEU A 154 9.58 11.78 5.26
CA LEU A 154 8.58 11.68 6.32
C LEU A 154 9.14 11.93 7.73
N SER A 155 10.45 11.74 7.88
CA SER A 155 11.13 11.95 9.17
C SER A 155 11.15 13.42 9.59
N GLU A 156 10.80 14.30 8.67
CA GLU A 156 10.71 15.74 8.96
C GLU A 156 9.45 16.09 9.76
N PHE A 157 8.49 15.16 9.80
CA PHE A 157 7.26 15.33 10.56
C PHE A 157 7.37 14.62 11.90
N ASP A 158 6.85 15.22 12.96
CA ASP A 158 6.64 14.43 14.16
C ASP A 158 5.26 13.79 14.12
N ALA A 159 5.12 12.69 14.87
CA ALA A 159 3.92 11.87 14.89
C ALA A 159 2.62 12.66 15.06
N SER A 160 2.66 13.70 15.91
CA SER A 160 1.48 14.48 16.26
C SER A 160 0.84 15.25 15.10
N GLN A 161 1.59 15.44 14.02
CA GLN A 161 1.11 16.23 12.88
C GLN A 161 0.26 15.40 11.91
N LEU A 162 0.39 14.08 12.00
CA LEU A 162 -0.29 13.19 11.06
C LEU A 162 -1.06 12.12 11.81
N THR A 163 -2.31 12.44 12.14
CA THR A 163 -3.21 11.56 12.90
C THR A 163 -3.54 10.31 12.10
N GLU A 164 -3.70 9.19 12.79
CA GLU A 164 -4.00 7.93 12.12
C GLU A 164 -5.33 8.05 11.40
N THR A 165 -5.33 7.60 10.15
CA THR A 165 -6.54 7.60 9.33
C THR A 165 -7.28 6.28 9.48
N ILE A 166 -6.54 5.24 9.87
CA ILE A 166 -7.12 3.95 10.22
C ILE A 166 -6.37 3.44 11.46
N ALA A 167 -7.10 3.15 12.53
CA ALA A 167 -6.51 2.65 13.78
C ALA A 167 -6.01 1.23 13.60
N HIS A 168 -4.94 0.88 14.32
CA HIS A 168 -4.38 -0.49 14.33
C HIS A 168 -4.04 -0.99 12.95
N PHE A 169 -3.64 -0.08 12.07
CA PHE A 169 -3.51 -0.43 10.65
C PHE A 169 -2.52 -1.58 10.38
N HIS A 170 -1.33 -1.49 10.95
CA HIS A 170 -0.39 -2.61 10.87
C HIS A 170 -0.13 -3.20 12.22
N ASP A 171 -1.17 -3.21 13.04
CA ASP A 171 -1.11 -3.87 14.35
C ASP A 171 -1.54 -5.31 14.05
N THR A 172 -0.56 -6.16 13.73
CA THR A 172 -0.87 -7.50 13.23
C THR A 172 -1.64 -8.35 14.26
N PRO A 173 -1.30 -8.24 15.57
CA PRO A 173 -2.13 -8.98 16.52
C PRO A 173 -3.60 -8.54 16.51
N HIS A 174 -3.84 -7.24 16.27
CA HIS A 174 -5.20 -6.73 16.20
C HIS A 174 -5.88 -7.26 14.97
N ARG A 175 -5.15 -7.29 13.85
CA ARG A 175 -5.66 -7.89 12.62
C ARG A 175 -6.02 -9.34 12.85
N PHE A 176 -5.20 -10.03 13.65
CA PHE A 176 -5.46 -11.45 13.93
C PHE A 176 -6.74 -11.61 14.76
N GLU A 177 -6.96 -10.71 15.72
CA GLU A 177 -8.27 -10.71 16.42
C GLU A 177 -9.43 -10.58 15.44
N ASP A 178 -9.29 -9.71 14.44
CA ASP A 178 -10.36 -9.54 13.45
C ASP A 178 -10.55 -10.82 12.64
N PHE A 179 -9.43 -11.44 12.25
CA PHE A 179 -9.46 -12.70 11.51
C PHE A 179 -10.17 -13.79 12.29
N LYS A 180 -9.82 -13.95 13.56
CA LYS A 180 -10.44 -14.98 14.41
C LYS A 180 -11.94 -14.77 14.54
N ALA A 181 -12.37 -13.51 14.66
CA ALA A 181 -13.80 -13.18 14.74
C ALA A 181 -14.51 -13.57 13.45
N ALA A 182 -13.89 -13.23 12.31
CA ALA A 182 -14.46 -13.57 11.00
C ALA A 182 -14.58 -15.09 10.83
N LEU A 183 -13.56 -15.79 11.32
CA LEU A 183 -13.50 -17.24 11.26
C LEU A 183 -14.61 -17.87 12.09
N ALA A 184 -14.79 -17.40 13.32
CA ALA A 184 -15.78 -17.97 14.25
C ALA A 184 -17.19 -17.74 13.73
N ALA A 185 -17.41 -16.57 13.14
CA ALA A 185 -18.72 -16.21 12.62
C ALA A 185 -19.06 -17.01 11.37
N ASP A 186 -18.08 -17.15 10.47
CA ASP A 186 -18.17 -17.92 9.21
C ASP A 186 -19.50 -17.62 8.52
N LYS A 187 -19.75 -16.32 8.30
CA LYS A 187 -21.05 -15.81 7.84
C LYS A 187 -21.62 -16.52 6.61
N LEU A 188 -20.74 -16.91 5.68
CA LEU A 188 -21.19 -17.45 4.39
C LEU A 188 -20.96 -18.94 4.25
N GLY A 189 -20.48 -19.59 5.31
CA GLY A 189 -20.12 -21.01 5.22
C GLY A 189 -18.95 -21.26 4.29
N ARG A 190 -18.11 -20.23 4.10
CA ARG A 190 -16.94 -20.35 3.24
C ARG A 190 -15.74 -21.05 3.90
N ALA A 191 -15.74 -21.12 5.22
CA ALA A 191 -14.60 -21.72 5.93
C ALA A 191 -14.33 -23.17 5.53
N ALA A 192 -15.39 -23.94 5.26
CA ALA A 192 -15.21 -25.37 4.92
C ALA A 192 -14.20 -25.64 3.81
N ALA A 193 -14.17 -24.76 2.81
CA ALA A 193 -13.35 -24.95 1.61
C ALA A 193 -11.96 -24.37 1.73
N CYS A 194 -11.65 -23.74 2.88
CA CYS A 194 -10.32 -23.15 3.02
C CYS A 194 -9.65 -23.44 4.36
N GLN A 195 -9.83 -24.67 4.86
CA GLN A 195 -9.11 -25.08 6.07
C GLN A 195 -7.56 -24.95 6.01
N PRO A 196 -6.89 -25.32 4.88
CA PRO A 196 -5.43 -25.18 4.90
C PRO A 196 -4.98 -23.74 5.06
N GLU A 197 -5.71 -22.83 4.41
CA GLU A 197 -5.40 -21.41 4.49
C GLU A 197 -5.65 -20.87 5.90
N ILE A 198 -6.81 -21.22 6.46
CA ILE A 198 -7.17 -20.83 7.82
C ILE A 198 -6.11 -21.32 8.82
N ASP A 199 -5.74 -22.59 8.72
CA ASP A 199 -4.82 -23.16 9.69
C ASP A 199 -3.41 -22.61 9.58
N PHE A 200 -3.02 -22.18 8.37
CA PHE A 200 -1.75 -21.49 8.20
C PHE A 200 -1.72 -20.24 9.09
N TYR A 201 -2.77 -19.41 9.01
CA TYR A 201 -2.77 -18.21 9.85
C TYR A 201 -2.88 -18.49 11.34
N LEU A 202 -3.66 -19.51 11.73
CA LEU A 202 -3.79 -19.84 13.14
C LEU A 202 -2.48 -20.33 13.74
N SER A 203 -1.77 -21.14 12.97
CA SER A 203 -0.50 -21.75 13.42
C SER A 203 0.63 -20.74 13.59
N HIS A 204 0.52 -19.58 12.92
CA HIS A 204 1.59 -18.59 12.98
C HIS A 204 1.30 -17.49 13.96
N ALA A 205 0.28 -17.68 14.81
CA ALA A 205 -0.17 -16.64 15.77
C ALA A 205 0.98 -16.07 16.60
N ASP A 206 1.89 -16.95 16.99
CA ASP A 206 3.03 -16.59 17.82
C ASP A 206 3.94 -15.52 17.20
N GLN A 207 3.83 -15.32 15.89
CA GLN A 207 4.82 -14.52 15.16
C GLN A 207 4.38 -13.08 14.93
N TYR A 208 3.11 -12.79 15.22
CA TYR A 208 2.50 -11.53 14.78
C TYR A 208 2.85 -10.29 15.61
N ALA A 209 3.34 -10.48 16.83
CA ALA A 209 3.54 -9.33 17.75
C ALA A 209 4.93 -8.71 17.72
N VAL A 210 5.87 -9.26 16.96
CA VAL A 210 7.28 -8.86 17.07
C VAL A 210 7.51 -7.33 16.91
N VAL A 211 6.91 -6.73 15.88
CA VAL A 211 7.10 -5.29 15.66
C VAL A 211 6.34 -4.43 16.66
N MSE A 212 5.08 -4.77 16.89
CA MSE A 212 4.25 -4.03 17.88
C MSE A 212 4.92 -4.08 19.24
O MSE A 212 5.00 -3.06 19.93
CB MSE A 212 2.81 -4.53 17.93
CG MSE A 212 1.97 -4.32 16.67
SE MSE A 212 1.95 -2.44 16.07
CE MSE A 212 1.11 -1.69 17.67
N ASP A 213 5.41 -5.24 19.65
CA ASP A 213 6.11 -5.35 20.94
C ASP A 213 7.32 -4.42 21.03
N GLY A 214 8.07 -4.35 19.92
CA GLY A 214 9.26 -3.51 19.82
C GLY A 214 8.93 -2.03 19.80
N LEU A 215 7.84 -1.66 19.13
CA LEU A 215 7.38 -0.27 19.20
C LEU A 215 6.98 0.09 20.63
N ARG A 216 6.25 -0.81 21.30
CA ARG A 216 5.74 -0.53 22.64
C ARG A 216 6.86 -0.43 23.69
N ASP A 217 7.94 -1.18 23.52
CA ASP A 217 9.02 -1.11 24.52
C ASP A 217 10.16 -0.17 24.15
N GLY A 218 10.11 0.40 22.95
CA GLY A 218 11.09 1.38 22.52
C GLY A 218 12.32 0.82 21.83
N SER A 219 12.35 -0.49 21.63
CA SER A 219 13.48 -1.12 20.95
C SER A 219 13.37 -0.96 19.42
N ILE A 220 12.18 -0.56 18.95
CA ILE A 220 11.94 -0.19 17.55
C ILE A 220 11.42 1.25 17.51
N PRO A 221 12.10 2.15 16.78
CA PRO A 221 11.66 3.56 16.74
C PRO A 221 10.30 3.74 16.07
N LEU A 222 9.46 4.59 16.67
CA LEU A 222 8.22 5.02 16.02
C LEU A 222 8.56 6.10 15.03
N ARG A 223 8.24 5.85 13.76
CA ARG A 223 8.55 6.77 12.67
C ARG A 223 7.29 7.06 11.87
N VAL A 224 7.23 8.21 11.19
CA VAL A 224 6.14 8.44 10.26
C VAL A 224 6.42 7.66 8.97
N THR A 225 5.45 6.83 8.57
CA THR A 225 5.65 5.90 7.46
C THR A 225 4.50 5.98 6.45
N HIS A 226 4.71 5.42 5.27
CA HIS A 226 3.72 5.48 4.19
C HIS A 226 2.62 4.47 4.39
N ASN A 227 3.01 3.28 4.82
CA ASN A 227 2.11 2.17 5.17
C ASN A 227 1.40 1.42 4.06
N ASP A 228 1.63 1.81 2.81
CA ASP A 228 1.10 1.04 1.70
C ASP A 228 2.07 1.11 0.53
N THR A 229 3.18 0.41 0.65
CA THR A 229 4.30 0.62 -0.25
C THR A 229 4.38 -0.37 -1.41
N LYS A 230 3.25 -0.91 -1.83
CA LYS A 230 3.28 -1.77 -3.01
C LYS A 230 3.81 -1.02 -4.24
N LEU A 231 4.41 -1.77 -5.15
CA LEU A 231 5.18 -1.20 -6.28
C LEU A 231 4.33 -0.29 -7.17
N ASN A 232 3.05 -0.58 -7.31
CA ASN A 232 2.23 0.21 -8.21
C ASN A 232 1.81 1.54 -7.60
N ASN A 233 2.32 1.82 -6.41
CA ASN A 233 2.16 3.14 -5.85
C ASN A 233 3.32 4.06 -6.16
N ILE A 234 4.24 3.61 -7.00
CA ILE A 234 5.28 4.50 -7.53
C ILE A 234 5.05 4.68 -9.03
N LEU A 235 4.95 5.94 -9.47
CA LEU A 235 4.87 6.20 -10.90
C LEU A 235 6.28 6.54 -11.34
N MSE A 236 6.78 5.85 -12.37
CA MSE A 236 8.15 6.02 -12.79
C MSE A 236 8.14 6.72 -14.15
O MSE A 236 7.17 6.60 -14.92
CB MSE A 236 9.02 4.71 -12.61
CG MSE A 236 9.67 4.37 -11.12
SE MSE A 236 9.99 2.60 -11.44
CE MSE A 236 9.54 1.98 -9.66
N ASP A 237 9.18 7.48 -14.47
CA ASP A 237 9.16 8.21 -15.74
C ASP A 237 9.30 7.29 -16.94
N ALA A 238 8.50 7.54 -17.98
CA ALA A 238 8.45 6.66 -19.16
C ALA A 238 9.73 6.74 -19.99
N THR A 239 10.47 7.83 -19.83
CA THR A 239 11.75 7.98 -20.54
C THR A 239 12.95 7.60 -19.66
N THR A 240 13.07 8.18 -18.47
CA THR A 240 14.28 8.01 -17.67
C THR A 240 14.26 6.75 -16.79
N GLY A 241 13.06 6.24 -16.51
CA GLY A 241 12.92 5.14 -15.59
C GLY A 241 13.02 5.53 -14.12
N LYS A 242 13.20 6.82 -13.82
CA LYS A 242 13.35 7.23 -12.40
C LYS A 242 11.98 7.44 -11.76
N ALA A 243 11.87 7.24 -10.44
CA ALA A 243 10.61 7.51 -9.74
C ALA A 243 10.22 8.98 -9.92
N ARG A 244 8.97 9.21 -10.30
CA ARG A 244 8.45 10.58 -10.47
C ARG A 244 7.67 11.03 -9.24
N ALA A 245 6.78 10.17 -8.75
CA ALA A 245 5.96 10.50 -7.60
C ALA A 245 5.49 9.24 -6.89
N ILE A 246 5.35 9.36 -5.57
CA ILE A 246 4.72 8.34 -4.75
C ILE A 246 3.24 8.73 -4.61
N ILE A 247 2.36 7.78 -4.91
CA ILE A 247 0.94 8.07 -4.84
C ILE A 247 0.31 7.25 -3.71
N ASP A 248 -1.02 7.27 -3.65
CA ASP A 248 -1.79 6.45 -2.69
C ASP A 248 -1.38 6.85 -1.26
N LEU A 249 -1.59 8.13 -0.94
CA LEU A 249 -1.00 8.76 0.26
C LEU A 249 -1.90 8.67 1.49
N ASP A 250 -2.99 7.93 1.37
CA ASP A 250 -4.04 7.96 2.41
C ASP A 250 -3.62 7.35 3.76
N THR A 251 -2.64 6.47 3.76
CA THR A 251 -2.27 5.80 5.01
C THR A 251 -0.98 6.31 5.66
N ILE A 252 -0.49 7.47 5.25
CA ILE A 252 0.65 8.09 5.95
C ILE A 252 0.30 8.38 7.41
N MSE A 253 1.05 7.80 8.34
CA MSE A 253 0.75 7.89 9.79
C MSE A 253 1.92 7.26 10.53
O MSE A 253 2.79 6.65 9.91
CB MSE A 253 -0.61 7.24 10.11
CG MSE A 253 -0.64 5.71 9.95
SE MSE A 253 -2.47 4.99 10.26
CE MSE A 253 -2.87 4.37 8.44
N PRO A 254 1.96 7.39 11.88
CA PRO A 254 3.10 6.76 12.56
C PRO A 254 3.11 5.24 12.46
N GLY A 255 4.29 4.67 12.46
CA GLY A 255 4.47 3.23 12.35
C GLY A 255 5.93 2.87 12.52
N SER A 256 6.33 1.75 11.94
CA SER A 256 7.73 1.36 11.84
C SER A 256 8.20 1.35 10.39
N MSE A 257 9.46 1.66 10.15
CA MSE A 257 10.10 1.46 8.84
C MSE A 257 9.81 0.08 8.32
O MSE A 257 9.80 -0.13 7.17
CB MSE A 257 11.64 1.69 8.85
CG MSE A 257 12.59 0.46 8.78
SE MSE A 257 14.35 1.20 8.42
CE MSE A 257 14.55 2.93 9.32
N LEU A 258 9.74 -0.86 9.22
CA LEU A 258 9.59 -2.27 8.85
C LEU A 258 8.24 -2.51 8.14
N PHE A 259 7.25 -1.68 8.44
CA PHE A 259 5.96 -1.79 7.74
C PHE A 259 6.16 -1.46 6.26
N ASP A 260 6.90 -0.38 5.99
CA ASP A 260 7.11 0.02 4.59
C ASP A 260 7.99 -0.98 3.86
N PHE A 261 9.07 -1.41 4.52
CA PHE A 261 9.98 -2.35 3.87
C PHE A 261 9.29 -3.69 3.58
N GLY A 262 8.65 -4.26 4.61
CA GLY A 262 8.00 -5.55 4.51
C GLY A 262 6.94 -5.60 3.45
N ASP A 263 6.14 -4.54 3.37
CA ASP A 263 5.01 -4.50 2.46
C ASP A 263 5.51 -4.38 1.01
N SER A 264 6.61 -3.65 0.83
CA SER A 264 7.24 -3.59 -0.49
C SER A 264 7.73 -4.97 -0.96
N ILE A 265 8.35 -5.70 -0.05
CA ILE A 265 8.86 -7.05 -0.36
C ILE A 265 7.68 -7.99 -0.67
N ARG A 266 6.65 -7.92 0.17
CA ARG A 266 5.42 -8.71 -0.06
C ARG A 266 4.94 -8.66 -1.51
N PHE A 267 4.82 -7.44 -2.05
CA PHE A 267 4.17 -7.23 -3.33
C PHE A 267 5.18 -7.42 -4.46
N GLY A 268 6.39 -6.91 -4.26
CA GLY A 268 7.34 -6.72 -5.35
C GLY A 268 8.42 -7.78 -5.47
N ALA A 269 8.70 -8.52 -4.40
CA ALA A 269 9.67 -9.63 -4.48
C ALA A 269 9.04 -10.92 -5.00
N SER A 270 7.75 -10.89 -5.29
CA SER A 270 7.09 -12.03 -5.90
C SER A 270 7.33 -12.08 -7.39
N THR A 271 7.44 -13.30 -7.91
CA THR A 271 7.52 -13.53 -9.35
C THR A 271 6.13 -13.51 -10.00
N ALA A 272 5.08 -13.26 -9.22
CA ALA A 272 3.72 -13.28 -9.73
C ALA A 272 2.86 -12.17 -9.16
N LEU A 273 1.75 -11.94 -9.85
CA LEU A 273 0.70 -11.05 -9.38
C LEU A 273 0.11 -11.48 -8.03
N GLU A 274 -0.42 -10.49 -7.32
CA GLU A 274 -1.07 -10.72 -6.04
C GLU A 274 -2.25 -11.69 -6.15
N ASP A 275 -2.88 -11.73 -7.33
CA ASP A 275 -4.05 -12.58 -7.54
C ASP A 275 -3.82 -13.63 -8.64
N GLU A 276 -2.57 -14.04 -8.78
CA GLU A 276 -2.20 -15.13 -9.71
C GLU A 276 -2.88 -16.45 -9.28
N LYS A 277 -3.65 -17.05 -10.20
CA LYS A 277 -4.40 -18.27 -9.90
C LYS A 277 -3.51 -19.51 -9.91
N ASP A 278 -2.42 -19.44 -10.67
CA ASP A 278 -1.50 -20.57 -10.84
C ASP A 278 -0.33 -20.46 -9.87
N LEU A 279 -0.42 -21.15 -8.74
CA LEU A 279 0.56 -21.09 -7.66
C LEU A 279 1.97 -21.53 -8.07
N SER A 280 2.06 -22.38 -9.11
CA SER A 280 3.36 -22.81 -9.60
C SER A 280 4.16 -21.63 -10.18
N LYS A 281 3.48 -20.52 -10.47
CA LYS A 281 4.14 -19.30 -10.96
C LYS A 281 4.57 -18.37 -9.81
N VAL A 282 4.10 -18.66 -8.59
CA VAL A 282 4.32 -17.78 -7.44
C VAL A 282 5.57 -18.19 -6.65
N HIS A 283 6.57 -17.30 -6.62
CA HIS A 283 7.82 -17.54 -5.89
C HIS A 283 8.32 -16.29 -5.24
N PHE A 284 9.04 -16.46 -4.15
CA PHE A 284 9.76 -15.36 -3.50
C PHE A 284 11.16 -15.29 -4.11
N SER A 285 11.51 -14.13 -4.67
CA SER A 285 12.81 -13.96 -5.35
C SER A 285 13.82 -13.26 -4.46
N THR A 286 14.89 -13.96 -4.08
CA THR A 286 15.92 -13.32 -3.27
C THR A 286 16.69 -12.30 -4.09
N GLU A 287 16.72 -12.47 -5.41
CA GLU A 287 17.35 -11.50 -6.29
C GLU A 287 16.61 -10.17 -6.26
N LEU A 288 15.28 -10.25 -6.27
CA LEU A 288 14.45 -9.04 -6.13
C LEU A 288 14.55 -8.47 -4.72
N PHE A 289 14.56 -9.36 -3.72
CA PHE A 289 14.78 -8.91 -2.36
C PHE A 289 16.08 -8.11 -2.25
N ARG A 290 17.16 -8.63 -2.85
CA ARG A 290 18.42 -7.89 -2.84
C ARG A 290 18.31 -6.53 -3.51
N ALA A 291 17.68 -6.47 -4.68
CA ALA A 291 17.62 -5.22 -5.46
C ALA A 291 16.90 -4.13 -4.66
N TYR A 292 15.74 -4.48 -4.09
CA TYR A 292 14.99 -3.53 -3.30
C TYR A 292 15.81 -3.09 -2.09
N THR A 293 16.48 -4.02 -1.42
CA THR A 293 17.19 -3.68 -0.19
C THR A 293 18.38 -2.74 -0.48
N GLU A 294 19.06 -2.98 -1.59
CA GLU A 294 20.14 -2.10 -2.01
C GLU A 294 19.66 -0.64 -2.17
N GLY A 295 18.55 -0.46 -2.85
CA GLY A 295 17.98 0.88 -3.02
C GLY A 295 17.52 1.50 -1.70
N PHE A 296 16.74 0.75 -0.94
CA PHE A 296 16.14 1.19 0.33
C PHE A 296 17.19 1.56 1.37
N VAL A 297 18.06 0.59 1.68
CA VAL A 297 19.11 0.81 2.67
C VAL A 297 20.09 1.88 2.19
N GLY A 298 20.30 1.93 0.88
CA GLY A 298 21.14 2.97 0.25
C GLY A 298 20.74 4.38 0.67
N GLU A 299 19.43 4.60 0.85
CA GLU A 299 18.89 5.89 1.29
C GLU A 299 18.83 6.07 2.81
N LEU A 300 18.73 4.95 3.54
CA LEU A 300 18.46 5.00 4.97
C LEU A 300 19.60 4.48 5.83
N ARG A 301 20.75 4.24 5.22
CA ARG A 301 21.91 3.69 5.96
C ARG A 301 22.22 4.49 7.23
N GLY A 302 22.02 5.80 7.15
CA GLY A 302 22.32 6.69 8.28
C GLY A 302 21.35 6.64 9.46
N SER A 303 20.15 6.13 9.25
CA SER A 303 19.15 6.14 10.31
C SER A 303 18.73 4.75 10.81
N ILE A 304 18.96 3.71 10.03
CA ILE A 304 18.49 2.36 10.39
C ILE A 304 19.21 1.81 11.64
N THR A 305 18.44 1.40 12.66
CA THR A 305 19.04 0.87 13.89
C THR A 305 19.41 -0.60 13.74
N ALA A 306 20.22 -1.11 14.66
CA ALA A 306 20.57 -2.52 14.69
C ALA A 306 19.33 -3.42 14.71
N ARG A 307 18.35 -3.08 15.54
CA ARG A 307 17.18 -3.92 15.70
C ARG A 307 16.34 -3.91 14.41
N GLU A 308 16.22 -2.74 13.78
CA GLU A 308 15.52 -2.66 12.49
C GLU A 308 16.17 -3.54 11.42
N ALA A 309 17.50 -3.49 11.32
CA ALA A 309 18.21 -4.29 10.34
C ALA A 309 18.00 -5.79 10.58
N GLU A 310 18.00 -6.17 11.86
CA GLU A 310 17.81 -7.54 12.28
C GLU A 310 16.46 -8.07 11.83
N LEU A 311 15.46 -7.20 11.83
CA LEU A 311 14.09 -7.56 11.45
C LEU A 311 13.72 -7.34 9.98
N LEU A 312 14.62 -6.79 9.17
CA LEU A 312 14.28 -6.58 7.76
C LEU A 312 13.74 -7.84 7.03
N PRO A 313 14.44 -8.99 7.08
CA PRO A 313 13.89 -10.17 6.41
C PRO A 313 12.54 -10.60 6.96
N PHE A 314 12.41 -10.68 8.29
CA PHE A 314 11.12 -11.11 8.84
C PHE A 314 9.98 -10.12 8.57
N SER A 315 10.30 -8.84 8.40
CA SER A 315 9.24 -7.87 8.09
C SER A 315 8.49 -8.27 6.82
N GLY A 316 9.20 -8.88 5.87
CA GLY A 316 8.54 -9.46 4.70
C GLY A 316 7.50 -10.51 5.07
N ASN A 317 7.91 -11.50 5.88
CA ASN A 317 6.98 -12.52 6.35
C ASN A 317 5.77 -11.89 7.03
N LEU A 318 6.05 -10.90 7.86
CA LEU A 318 5.02 -10.35 8.75
C LEU A 318 3.96 -9.62 7.95
N LEU A 319 4.41 -8.72 7.08
CA LEU A 319 3.44 -7.96 6.27
C LEU A 319 2.72 -8.83 5.25
N THR A 320 3.38 -9.85 4.73
CA THR A 320 2.72 -10.78 3.83
C THR A 320 1.66 -11.60 4.58
N MSE A 321 1.99 -12.05 5.80
CA MSE A 321 0.98 -12.77 6.62
C MSE A 321 -0.16 -11.85 6.98
O MSE A 321 -1.33 -12.23 6.95
CB MSE A 321 1.58 -13.40 7.88
CG MSE A 321 2.51 -14.51 7.43
SE MSE A 321 3.15 -15.56 8.99
CE MSE A 321 4.27 -14.22 9.83
N GLU A 322 0.15 -10.61 7.36
CA GLU A 322 -0.92 -9.66 7.73
C GLU A 322 -1.86 -9.44 6.54
N CYS A 323 -1.28 -9.17 5.37
CA CYS A 323 -2.09 -8.88 4.19
C CYS A 323 -2.89 -10.12 3.80
N GLY A 324 -2.21 -11.27 3.80
CA GLY A 324 -2.87 -12.55 3.52
C GLY A 324 -4.04 -12.83 4.44
N MSE A 325 -3.85 -12.60 5.74
CA MSE A 325 -4.92 -12.89 6.69
C MSE A 325 -6.08 -11.97 6.44
O MSE A 325 -7.20 -12.31 6.61
CB MSE A 325 -4.50 -12.88 8.16
CG MSE A 325 -4.53 -11.56 8.80
SE MSE A 325 -3.75 -11.60 10.62
CE MSE A 325 -4.51 -13.33 10.96
N ARG A 326 -5.77 -10.73 6.07
CA ARG A 326 -6.82 -9.74 5.79
C ARG A 326 -7.62 -10.14 4.54
N PHE A 327 -6.94 -10.64 3.50
CA PHE A 327 -7.68 -11.17 2.33
C PHE A 327 -8.60 -12.33 2.73
N LEU A 328 -8.09 -13.24 3.55
CA LEU A 328 -8.87 -14.42 3.92
C LEU A 328 -10.05 -14.07 4.83
N ALA A 329 -9.83 -13.17 5.79
CA ALA A 329 -10.90 -12.66 6.65
C ALA A 329 -11.99 -12.04 5.75
N ASP A 330 -11.56 -11.25 4.76
CA ASP A 330 -12.52 -10.60 3.88
C ASP A 330 -13.30 -11.65 3.08
N TYR A 331 -12.62 -12.68 2.55
CA TYR A 331 -13.32 -13.80 1.90
C TYR A 331 -14.38 -14.38 2.84
N LEU A 332 -13.97 -14.71 4.06
CA LEU A 332 -14.91 -15.29 5.05
C LEU A 332 -16.09 -14.39 5.40
N GLU A 333 -15.93 -13.08 5.21
CA GLU A 333 -16.95 -12.09 5.56
C GLU A 333 -17.83 -11.70 4.36
N GLY A 334 -17.48 -12.24 3.20
CA GLY A 334 -18.22 -11.96 1.96
C GLY A 334 -17.75 -10.71 1.22
N ASP A 335 -16.46 -10.40 1.35
CA ASP A 335 -15.80 -9.41 0.48
C ASP A 335 -16.35 -8.00 0.68
N ILE A 336 -16.30 -7.56 1.93
CA ILE A 336 -16.81 -6.25 2.32
C ILE A 336 -15.74 -5.16 2.29
N TYR A 337 -14.46 -5.54 2.30
CA TYR A 337 -13.36 -4.56 2.39
C TYR A 337 -12.69 -4.27 1.05
N PHE A 338 -12.12 -5.31 0.44
CA PHE A 338 -11.38 -5.16 -0.82
C PHE A 338 -12.32 -5.34 -1.98
N ALA A 339 -12.15 -4.51 -3.03
CA ALA A 339 -12.86 -4.76 -4.28
C ALA A 339 -12.42 -6.12 -4.82
N THR A 340 -13.37 -6.83 -5.44
CA THR A 340 -13.10 -8.14 -6.06
C THR A 340 -13.74 -8.21 -7.44
N LYS A 341 -13.23 -9.10 -8.29
CA LYS A 341 -13.75 -9.28 -9.66
C LYS A 341 -14.58 -10.55 -9.83
N TYR A 342 -14.51 -11.45 -8.85
CA TYR A 342 -15.24 -12.73 -8.85
C TYR A 342 -15.35 -13.30 -7.43
N PRO A 343 -16.28 -14.25 -7.20
CA PRO A 343 -16.56 -14.71 -5.83
C PRO A 343 -15.34 -15.19 -5.03
N GLU A 344 -14.41 -15.91 -5.66
CA GLU A 344 -13.27 -16.51 -4.96
C GLU A 344 -12.01 -15.65 -4.98
N HIS A 345 -12.13 -14.39 -5.44
CA HIS A 345 -10.96 -13.54 -5.65
C HIS A 345 -10.06 -13.40 -4.42
N ASN A 346 -10.67 -13.15 -3.26
CA ASN A 346 -9.86 -12.99 -2.03
C ASN A 346 -9.20 -14.27 -1.53
N LEU A 347 -9.76 -15.42 -1.92
CA LEU A 347 -9.15 -16.70 -1.58
C LEU A 347 -7.96 -16.93 -2.48
N VAL A 348 -8.12 -16.58 -3.75
CA VAL A 348 -7.01 -16.61 -4.68
C VAL A 348 -5.88 -15.70 -4.17
N ARG A 349 -6.21 -14.49 -3.73
CA ARG A 349 -5.22 -13.57 -3.18
C ARG A 349 -4.53 -14.13 -1.92
N THR A 350 -5.30 -14.67 -0.98
CA THR A 350 -4.65 -15.18 0.25
C THR A 350 -3.66 -16.30 -0.09
N ARG A 351 -3.97 -17.10 -1.12
CA ARG A 351 -3.11 -18.22 -1.45
C ARG A 351 -1.75 -17.81 -1.98
N THR A 352 -1.70 -16.72 -2.73
CA THR A 352 -0.40 -16.25 -3.19
C THR A 352 0.44 -15.78 -1.99
N GLN A 353 -0.19 -15.12 -1.02
CA GLN A 353 0.54 -14.60 0.14
C GLN A 353 1.11 -15.75 0.99
N ILE A 354 0.33 -16.82 1.12
CA ILE A 354 0.80 -18.01 1.85
C ILE A 354 2.00 -18.65 1.16
N LYS A 355 1.89 -18.86 -0.14
CA LYS A 355 2.98 -19.44 -0.96
C LYS A 355 4.26 -18.61 -0.80
N LEU A 356 4.11 -17.30 -0.90
CA LEU A 356 5.25 -16.40 -0.69
C LEU A 356 5.88 -16.58 0.68
N VAL A 357 5.07 -16.65 1.73
CA VAL A 357 5.61 -16.79 3.07
C VAL A 357 6.32 -18.13 3.21
N GLN A 358 5.73 -19.17 2.62
CA GLN A 358 6.34 -20.51 2.67
C GLN A 358 7.76 -20.43 2.10
N GLU A 359 7.94 -19.69 1.01
CA GLU A 359 9.28 -19.55 0.43
C GLU A 359 10.20 -18.59 1.19
N MSE A 360 9.65 -17.52 1.77
CA MSE A 360 10.45 -16.63 2.63
C MSE A 360 10.99 -17.40 3.82
O MSE A 360 12.11 -17.13 4.27
CB MSE A 360 9.57 -15.48 3.11
CG MSE A 360 9.25 -14.54 1.97
SE MSE A 360 8.16 -13.05 2.72
CE MSE A 360 7.60 -12.17 1.03
N GLU A 361 10.20 -18.34 4.35
CA GLU A 361 10.64 -19.16 5.47
C GLU A 361 11.83 -20.02 5.04
N GLN A 362 11.69 -20.64 3.88
CA GLN A 362 12.73 -21.51 3.34
C GLN A 362 14.03 -20.75 3.06
N LYS A 363 13.91 -19.49 2.65
CA LYS A 363 15.06 -18.66 2.27
C LYS A 363 15.55 -17.69 3.34
N ALA A 364 15.08 -17.87 4.57
CA ALA A 364 15.42 -16.98 5.68
C ALA A 364 16.92 -16.76 5.92
N SER A 365 17.73 -17.82 5.85
CA SER A 365 19.20 -17.68 5.97
C SER A 365 19.78 -16.82 4.84
N GLU A 366 19.28 -17.05 3.63
CA GLU A 366 19.75 -16.32 2.47
C GLU A 366 19.42 -14.83 2.57
N THR A 367 18.22 -14.50 3.03
CA THR A 367 17.84 -13.10 3.10
C THR A 367 18.56 -12.39 4.24
N ARG A 368 18.79 -13.10 5.35
CA ARG A 368 19.61 -12.58 6.44
C ARG A 368 21.00 -12.19 5.94
N ALA A 369 21.61 -13.09 5.16
CA ALA A 369 22.94 -12.88 4.59
C ALA A 369 22.94 -11.66 3.67
N ILE A 370 21.90 -11.55 2.83
CA ILE A 370 21.75 -10.40 1.93
C ILE A 370 21.74 -9.08 2.69
N VAL A 371 20.93 -8.97 3.73
CA VAL A 371 20.90 -7.76 4.56
C VAL A 371 22.26 -7.44 5.19
N ALA A 372 22.91 -8.47 5.75
CA ALA A 372 24.22 -8.29 6.38
C ALA A 372 25.25 -7.77 5.38
N ASP A 373 25.25 -8.36 4.18
CA ASP A 373 26.14 -7.96 3.10
C ASP A 373 25.94 -6.50 2.76
N ILE A 374 24.68 -6.12 2.55
CA ILE A 374 24.32 -4.73 2.21
C ILE A 374 24.61 -3.72 3.32
N MSE A 375 24.34 -4.10 4.58
CA MSE A 375 24.57 -3.21 5.73
C MSE A 375 26.03 -2.87 5.91
O MSE A 375 26.37 -1.81 6.43
CB MSE A 375 24.06 -3.84 7.03
CG MSE A 375 22.53 -3.83 7.11
SE MSE A 375 21.83 -2.01 7.38
CE MSE A 375 22.43 -1.72 9.24
N GLU A 376 26.91 -3.77 5.46
CA GLU A 376 28.35 -3.53 5.54
C GLU A 376 28.88 -2.75 4.33
N ALA A 377 28.62 -3.27 3.13
CA ALA A 377 29.04 -2.61 1.89
C ALA A 377 27.95 -1.68 1.37
C1 NDG B . -4.81 -1.87 -0.20
C2 NDG B . -4.70 -1.80 1.33
C3 NDG B . -3.30 -2.28 1.77
C4 NDG B . -3.06 -3.70 1.24
C5 NDG B . -3.21 -3.73 -0.29
C6 NDG B . -3.19 -5.13 -0.86
C7 NDG B . -5.87 -0.19 2.78
C8 NDG B . -6.16 1.26 3.08
O5 NDG B . -4.47 -3.18 -0.67
O3 NDG B . -3.20 -2.22 3.18
O4 NDG B . -1.75 -4.16 1.55
O6 NDG B . -3.05 -5.00 -2.28
O7 NDG B . -6.44 -1.09 3.41
N2 NDG B . -4.99 -0.44 1.80
O1 NDG B . -3.88 -0.97 -0.82
PG ANP C . -5.00 0.91 -3.52
O1G ANP C . -6.04 -0.32 -3.53
O2G ANP C . -4.31 1.01 -4.83
O3G ANP C . -3.96 0.70 -2.33
PB ANP C . -6.92 3.24 -4.02
O1B ANP C . -8.02 2.33 -4.37
O2B ANP C . -7.42 4.47 -3.14
N3B ANP C . -5.70 2.43 -3.07
PA ANP C . -4.96 4.50 -5.80
O1A ANP C . -3.81 3.55 -5.60
O2A ANP C . -4.89 5.89 -5.18
O3A ANP C . -6.33 3.76 -5.46
O5' ANP C . -5.19 4.72 -7.38
C5' ANP C . -5.46 3.63 -8.26
C4' ANP C . -4.68 3.79 -9.56
O4' ANP C . -4.99 5.04 -10.21
C3' ANP C . -3.18 3.84 -9.35
O3' ANP C . -2.59 2.54 -9.36
C2' ANP C . -2.66 4.61 -10.53
O2' ANP C . -2.63 3.77 -11.69
C1' ANP C . -3.80 5.58 -10.79
N9 ANP C . -3.58 6.91 -10.20
C8 ANP C . -3.95 7.36 -8.99
N7 ANP C . -3.63 8.67 -8.83
C5 ANP C . -3.05 9.06 -10.00
C6 ANP C . -2.54 10.30 -10.55
N6 ANP C . -2.55 11.40 -9.78
N1 ANP C . -2.05 10.28 -11.82
C2 ANP C . -2.04 9.18 -12.59
N3 ANP C . -2.52 8.00 -12.14
C4 ANP C . -3.05 7.90 -10.89
#